data_6L94
#
_entry.id   6L94
#
_cell.length_a   103.202
_cell.length_b   103.202
_cell.length_c   86.108
_cell.angle_alpha   90.000
_cell.angle_beta   90.000
_cell.angle_gamma   90.000
#
_symmetry.space_group_name_H-M   'I 4'
#
loop_
_entity.id
_entity.type
_entity.pdbx_description
1 polymer 'Nucleic acid dioxygenase ALKBH1'
2 non-polymer 'FE (II) ION'
3 water water
#
_entity_poly.entity_id   1
_entity_poly.type   'polypeptide(L)'
_entity_poly.pdbx_seq_one_letter_code
;MGSHHHHHHHHHSGHMMAAAVASLATLAAEPREDAFRKLFRFYRQSRPGTADLGAVIDFSEAHLARSPKPGVPQVVRFPL
NVSSVTERDAERVGLEPVSKWRAYGLEGYPGFIFIPNPFLPGCQRHWVKQCLKLYSQKPNVCNLDKHMTKEETQGLWEQS
KEVLRSKEVTKRRPRSLLERLRWVTLGYHYNWDSKKYSADHYTPFPSDLAFLSEQVATACGFQGFQAEAGILNYYRLDST
LGIHVDRSELDHSKPLLSFSFGQSAIFLLGGLKRDEAPTAMFMHSGDIMVMSGFSRLLNHAVPRVLPHPDGECLPHCLET
PLPAVLPSNSLVEPCSVEDWQVCATYLRTARVNMTVRQVLATGQDFPLEPVEETKRDIAADGLCHLHDPNSPVKRKRLNP
NS
;
_entity_poly.pdbx_strand_id   A
#
loop_
_chem_comp.id
_chem_comp.type
_chem_comp.name
_chem_comp.formula
FE2 non-polymer 'FE (II) ION' 'Fe 2'
#
# COMPACT_ATOMS: atom_id res chain seq x y z
N ASP A 34 17.58 11.89 -16.58
CA ASP A 34 16.18 11.49 -16.65
C ASP A 34 16.03 10.07 -17.14
N ALA A 35 17.04 9.23 -16.87
CA ALA A 35 16.97 7.83 -17.25
C ALA A 35 15.78 7.14 -16.59
N PHE A 36 15.55 7.45 -15.31
CA PHE A 36 14.36 6.94 -14.63
C PHE A 36 13.09 7.39 -15.36
N ARG A 37 13.03 8.66 -15.76
CA ARG A 37 11.90 9.14 -16.54
C ARG A 37 11.89 8.54 -17.94
N LYS A 38 13.04 8.12 -18.45
CA LYS A 38 13.07 7.47 -19.76
C LYS A 38 12.43 6.09 -19.70
N LEU A 39 12.74 5.31 -18.66
CA LEU A 39 12.03 4.04 -18.47
C LEU A 39 10.59 4.28 -18.04
N PHE A 40 10.32 5.41 -17.39
CA PHE A 40 8.97 5.74 -16.97
C PHE A 40 8.07 6.03 -18.17
N ARG A 41 8.61 6.71 -19.18
CA ARG A 41 7.86 6.92 -20.42
C ARG A 41 7.88 5.68 -21.30
N PHE A 42 8.98 4.90 -21.27
CA PHE A 42 9.02 3.62 -21.95
C PHE A 42 7.85 2.75 -21.52
N TYR A 43 7.81 2.38 -20.24
CA TYR A 43 6.71 1.55 -19.76
C TYR A 43 5.39 2.31 -19.80
N ARG A 44 5.42 3.64 -19.69
CA ARG A 44 4.20 4.42 -19.76
C ARG A 44 3.43 4.16 -21.05
N GLN A 45 4.16 3.95 -22.16
CA GLN A 45 3.53 3.34 -23.32
C GLN A 45 3.07 1.95 -22.93
N SER A 46 1.76 1.72 -22.90
CA SER A 46 1.15 0.51 -22.36
C SER A 46 1.90 -0.74 -22.77
N ARG A 47 1.82 -1.09 -24.05
CA ARG A 47 2.48 -2.27 -24.62
C ARG A 47 2.27 -3.52 -23.77
N PRO A 48 1.04 -3.87 -23.45
CA PRO A 48 0.81 -5.05 -22.59
C PRO A 48 0.86 -6.34 -23.39
N GLY A 49 1.34 -7.39 -22.72
CA GLY A 49 1.51 -8.68 -23.37
C GLY A 49 2.44 -8.60 -24.57
N THR A 50 3.65 -8.09 -24.35
CA THR A 50 4.59 -7.81 -25.42
C THR A 50 5.99 -8.11 -24.92
N ALA A 51 6.98 -7.49 -25.56
CA ALA A 51 8.32 -7.46 -24.98
C ALA A 51 8.31 -6.73 -23.64
N ASP A 52 7.41 -5.76 -23.48
CA ASP A 52 7.35 -5.00 -22.23
C ASP A 52 6.85 -5.85 -21.07
N LEU A 53 5.84 -6.69 -21.31
CA LEU A 53 5.28 -7.50 -20.23
C LEU A 53 6.33 -8.44 -19.65
N GLY A 54 7.22 -8.96 -20.49
CA GLY A 54 8.24 -9.88 -20.07
C GLY A 54 9.55 -9.25 -19.64
N ALA A 55 9.66 -7.93 -19.69
CA ALA A 55 10.87 -7.24 -19.25
C ALA A 55 10.86 -6.94 -17.76
N VAL A 56 9.78 -7.27 -17.05
CA VAL A 56 9.67 -6.99 -15.63
C VAL A 56 9.96 -8.26 -14.84
N ILE A 57 9.82 -8.20 -13.52
CA ILE A 57 10.23 -9.28 -12.63
C ILE A 57 9.01 -9.68 -11.83
N ASP A 58 8.19 -10.58 -12.40
CA ASP A 58 7.09 -11.17 -11.65
C ASP A 58 7.62 -12.14 -10.60
N PHE A 59 6.83 -12.33 -9.56
CA PHE A 59 7.21 -13.21 -8.47
C PHE A 59 6.18 -14.32 -8.26
N GLN A 74 20.05 -12.08 -10.36
CA GLN A 74 19.55 -10.86 -9.72
C GLN A 74 18.67 -11.19 -8.52
N VAL A 75 17.65 -12.01 -8.75
CA VAL A 75 16.64 -12.28 -7.73
C VAL A 75 17.19 -13.27 -6.72
N VAL A 76 17.02 -12.97 -5.44
CA VAL A 76 17.37 -13.86 -4.35
C VAL A 76 16.17 -14.00 -3.43
N ARG A 77 16.22 -15.01 -2.56
CA ARG A 77 15.23 -15.17 -1.52
C ARG A 77 15.75 -14.51 -0.23
N PHE A 78 14.86 -13.81 0.46
CA PHE A 78 15.23 -13.21 1.73
C PHE A 78 14.85 -14.15 2.87
N PRO A 79 15.81 -14.70 3.60
CA PRO A 79 15.46 -15.50 4.78
C PRO A 79 14.67 -14.69 5.80
N LEU A 80 13.40 -15.04 6.00
CA LEU A 80 12.59 -14.38 7.00
C LEU A 80 12.82 -15.07 8.34
N ASN A 81 11.95 -14.79 9.32
CA ASN A 81 12.08 -15.33 10.67
C ASN A 81 10.71 -15.83 11.12
N VAL A 82 10.38 -17.06 10.74
CA VAL A 82 9.10 -17.69 11.10
C VAL A 82 8.93 -17.67 12.61
N SER A 83 10.04 -17.48 13.34
CA SER A 83 9.99 -17.35 14.80
C SER A 83 9.49 -15.98 15.25
N SER A 84 9.58 -14.96 14.39
CA SER A 84 9.25 -13.61 14.83
C SER A 84 7.77 -13.42 15.09
N VAL A 85 6.91 -14.16 14.39
CA VAL A 85 5.47 -14.02 14.52
C VAL A 85 4.84 -15.39 14.70
N THR A 86 3.67 -15.39 15.34
CA THR A 86 2.89 -16.60 15.53
C THR A 86 1.71 -16.63 14.56
N GLU A 87 1.33 -17.84 14.15
CA GLU A 87 0.23 -17.98 13.20
C GLU A 87 -1.09 -17.46 13.77
N ARG A 88 -1.17 -17.25 15.09
CA ARG A 88 -2.40 -16.73 15.69
C ARG A 88 -2.52 -15.22 15.48
N ASP A 89 -1.42 -14.48 15.63
CA ASP A 89 -1.45 -13.05 15.35
C ASP A 89 -1.58 -12.79 13.86
N ALA A 90 -0.92 -13.62 13.04
CA ALA A 90 -1.00 -13.46 11.60
C ALA A 90 -2.39 -13.81 11.08
N GLU A 91 -2.99 -14.88 11.61
CA GLU A 91 -4.41 -15.14 11.38
C GLU A 91 -5.25 -13.96 11.84
N ARG A 92 -4.92 -13.40 13.01
CA ARG A 92 -5.62 -12.24 13.53
C ARG A 92 -5.58 -11.06 12.55
N VAL A 93 -4.52 -10.95 11.76
CA VAL A 93 -4.41 -9.87 10.79
C VAL A 93 -4.46 -10.37 9.35
N GLY A 94 -4.72 -11.66 9.15
CA GLY A 94 -5.00 -12.16 7.82
C GLY A 94 -3.81 -12.51 6.97
N LEU A 95 -2.67 -12.79 7.58
CA LEU A 95 -1.46 -13.17 6.86
C LEU A 95 -1.09 -14.60 7.24
N GLU A 96 -0.67 -15.38 6.25
CA GLU A 96 -0.39 -16.78 6.50
C GLU A 96 0.90 -16.92 7.32
N PRO A 97 1.14 -18.08 7.93
CA PRO A 97 2.38 -18.27 8.69
C PRO A 97 3.60 -17.92 7.86
N VAL A 98 4.55 -17.21 8.50
CA VAL A 98 5.76 -16.76 7.82
C VAL A 98 6.53 -17.93 7.25
N SER A 99 6.35 -19.12 7.83
CA SER A 99 6.99 -20.32 7.29
C SER A 99 6.62 -20.56 5.84
N LYS A 100 5.44 -20.12 5.43
CA LYS A 100 4.99 -20.26 4.05
C LYS A 100 5.14 -18.96 3.25
N TRP A 101 5.65 -17.90 3.85
CA TRP A 101 5.96 -16.69 3.09
C TRP A 101 7.20 -16.91 2.24
N ARG A 102 7.26 -16.18 1.13
CA ARG A 102 8.45 -16.12 0.29
C ARG A 102 8.82 -14.66 0.08
N ALA A 103 10.08 -14.33 0.37
CA ALA A 103 10.59 -12.98 0.20
C ALA A 103 11.72 -12.98 -0.81
N TYR A 104 11.93 -11.84 -1.45
CA TYR A 104 12.92 -11.74 -2.52
C TYR A 104 13.64 -10.40 -2.44
N GLY A 105 14.93 -10.43 -2.81
CA GLY A 105 15.72 -9.22 -2.98
C GLY A 105 16.45 -9.24 -4.30
N LEU A 106 17.23 -8.20 -4.53
CA LEU A 106 17.97 -8.05 -5.78
C LEU A 106 19.35 -7.48 -5.52
N GLU A 107 20.26 -7.75 -6.45
CA GLU A 107 21.64 -7.31 -6.31
C GLU A 107 21.76 -5.81 -6.50
N GLY A 108 22.55 -5.17 -5.64
CA GLY A 108 22.65 -3.73 -5.61
C GLY A 108 21.55 -3.03 -4.85
N TYR A 109 20.53 -3.77 -4.39
CA TYR A 109 19.41 -3.23 -3.62
C TYR A 109 19.32 -3.97 -2.29
N PRO A 110 20.28 -3.77 -1.39
CA PRO A 110 20.26 -4.49 -0.11
C PRO A 110 19.22 -3.93 0.83
N GLY A 111 18.58 -4.82 1.58
CA GLY A 111 17.45 -4.45 2.41
C GLY A 111 16.14 -4.33 1.67
N PHE A 112 16.17 -4.33 0.35
CA PHE A 112 14.94 -4.32 -0.44
C PHE A 112 14.26 -5.67 -0.36
N ILE A 113 13.07 -5.71 0.23
CA ILE A 113 12.33 -6.94 0.42
C ILE A 113 11.06 -6.86 -0.43
N PHE A 114 10.87 -7.84 -1.31
CA PHE A 114 9.58 -8.06 -1.95
C PHE A 114 9.01 -9.37 -1.42
N ILE A 115 7.76 -9.32 -0.99
CA ILE A 115 7.06 -10.52 -0.54
C ILE A 115 5.81 -10.66 -1.40
N PRO A 116 5.76 -11.68 -2.28
CA PRO A 116 4.50 -12.01 -2.97
C PRO A 116 3.36 -12.19 -1.99
N ASN A 117 2.12 -12.21 -2.48
CA ASN A 117 0.92 -12.22 -1.64
C ASN A 117 1.01 -13.25 -0.52
N PRO A 118 1.10 -12.82 0.74
CA PRO A 118 1.06 -13.78 1.84
C PRO A 118 -0.31 -13.80 2.51
N PHE A 119 -1.18 -12.85 2.15
CA PHE A 119 -2.50 -12.75 2.76
C PHE A 119 -3.22 -14.09 2.69
N LEU A 120 -3.92 -14.44 3.77
CA LEU A 120 -4.81 -15.59 3.71
C LEU A 120 -5.82 -15.38 2.58
N PRO A 121 -6.19 -16.43 1.85
CA PRO A 121 -7.21 -16.30 0.82
C PRO A 121 -8.46 -15.61 1.34
N GLY A 122 -8.84 -14.50 0.70
CA GLY A 122 -10.01 -13.73 1.05
C GLY A 122 -9.74 -12.48 1.85
N CYS A 123 -8.62 -12.41 2.57
CA CYS A 123 -8.41 -11.31 3.51
C CYS A 123 -8.32 -9.96 2.80
N GLN A 124 -7.75 -9.94 1.60
CA GLN A 124 -7.64 -8.72 0.80
C GLN A 124 -8.93 -7.91 0.84
N ARG A 125 -10.06 -8.60 0.68
CA ARG A 125 -11.36 -7.95 0.58
C ARG A 125 -11.61 -7.02 1.77
N HIS A 126 -11.27 -7.47 2.99
CA HIS A 126 -11.50 -6.60 4.13
C HIS A 126 -10.62 -5.36 4.06
N TRP A 127 -9.34 -5.54 3.74
CA TRP A 127 -8.39 -4.45 3.81
C TRP A 127 -8.75 -3.34 2.83
N VAL A 128 -9.10 -3.71 1.59
CA VAL A 128 -9.53 -2.71 0.63
C VAL A 128 -10.84 -2.07 1.10
N LYS A 129 -11.71 -2.85 1.73
CA LYS A 129 -13.01 -2.31 2.15
C LYS A 129 -12.81 -1.18 3.16
N GLN A 130 -12.14 -1.48 4.28
CA GLN A 130 -11.81 -0.45 5.24
C GLN A 130 -11.02 0.68 4.59
N CYS A 131 -10.29 0.38 3.50
CA CYS A 131 -9.55 1.42 2.80
C CYS A 131 -10.49 2.41 2.14
N LEU A 132 -11.58 1.91 1.55
CA LEU A 132 -12.51 2.75 0.82
C LEU A 132 -13.74 3.13 1.61
N LYS A 133 -14.23 2.24 2.49
CA LYS A 133 -15.46 2.52 3.22
C LYS A 133 -15.20 3.34 4.48
N LEU A 134 -14.17 2.99 5.24
CA LEU A 134 -13.95 3.57 6.57
C LEU A 134 -12.85 4.62 6.59
N TYR A 135 -11.64 4.25 6.14
CA TYR A 135 -10.46 5.10 6.35
C TYR A 135 -10.60 6.47 5.71
N SER A 136 -11.56 6.67 4.82
CA SER A 136 -11.65 7.93 4.09
C SER A 136 -12.35 9.02 4.91
N GLN A 137 -13.46 8.67 5.58
CA GLN A 137 -14.39 9.68 6.08
C GLN A 137 -13.78 10.47 7.25
N LYS A 138 -14.63 11.34 7.81
CA LYS A 138 -14.33 12.53 8.61
C LYS A 138 -13.08 12.47 9.49
N PRO A 139 -12.90 11.46 10.37
CA PRO A 139 -11.77 11.51 11.31
C PRO A 139 -10.41 11.73 10.64
N ASN A 140 -10.14 11.05 9.53
CA ASN A 140 -8.88 11.22 8.84
C ASN A 140 -8.99 12.29 7.76
N VAL A 141 -7.97 12.40 6.91
CA VAL A 141 -7.87 13.48 5.93
C VAL A 141 -7.65 12.88 4.55
N CYS A 142 -8.42 13.35 3.57
CA CYS A 142 -8.24 12.99 2.17
C CYS A 142 -8.28 14.25 1.32
N ASN A 143 -7.93 14.09 0.04
CA ASN A 143 -7.76 15.26 -0.83
C ASN A 143 -9.05 16.04 -1.01
N LEU A 144 -10.20 15.36 -0.91
CA LEU A 144 -11.48 16.04 -1.12
C LEU A 144 -11.80 17.05 -0.03
N ASP A 145 -10.99 17.14 1.02
CA ASP A 145 -11.24 18.09 2.10
C ASP A 145 -10.88 19.53 1.71
N LYS A 146 -10.11 19.72 0.64
CA LYS A 146 -9.59 21.05 0.35
C LYS A 146 -10.67 21.96 -0.23
N HIS A 147 -11.41 21.48 -1.23
CA HIS A 147 -12.44 22.29 -1.88
C HIS A 147 -13.85 21.72 -1.72
N MET A 148 -14.02 20.64 -0.97
CA MET A 148 -15.34 20.06 -0.73
C MET A 148 -15.53 19.91 0.77
N THR A 149 -16.71 20.30 1.25
CA THR A 149 -16.96 20.30 2.69
C THR A 149 -17.23 18.89 3.19
N LYS A 150 -17.22 18.74 4.52
CA LYS A 150 -17.32 17.42 5.13
C LYS A 150 -18.70 16.79 4.93
N GLU A 151 -19.73 17.60 4.69
CA GLU A 151 -21.04 17.02 4.41
C GLU A 151 -21.06 16.37 3.03
N GLU A 152 -20.49 17.03 2.03
CA GLU A 152 -20.43 16.47 0.68
C GLU A 152 -19.62 15.17 0.66
N THR A 153 -18.61 15.06 1.52
CA THR A 153 -17.76 13.87 1.53
C THR A 153 -18.29 12.78 2.44
N GLN A 154 -19.09 13.13 3.45
CA GLN A 154 -19.61 12.11 4.36
C GLN A 154 -20.59 11.17 3.65
N GLY A 155 -21.31 11.66 2.65
CA GLY A 155 -22.28 10.84 1.96
C GLY A 155 -21.68 10.02 0.85
N LEU A 156 -20.36 9.82 0.88
CA LEU A 156 -19.67 9.18 -0.23
C LEU A 156 -20.15 7.74 -0.43
N TRP A 157 -20.05 6.91 0.61
CA TRP A 157 -20.25 5.48 0.43
C TRP A 157 -21.69 5.15 0.06
N GLU A 158 -22.66 5.76 0.77
CA GLU A 158 -24.06 5.47 0.50
C GLU A 158 -24.49 5.99 -0.87
N GLN A 159 -24.10 7.23 -1.20
CA GLN A 159 -24.44 7.77 -2.51
C GLN A 159 -23.77 6.98 -3.63
N SER A 160 -22.59 6.43 -3.36
CA SER A 160 -21.93 5.56 -4.34
C SER A 160 -22.63 4.21 -4.45
N LYS A 161 -23.28 3.77 -3.37
CA LYS A 161 -24.11 2.57 -3.45
C LYS A 161 -25.35 2.84 -4.28
N GLU A 162 -25.94 4.02 -4.14
CA GLU A 162 -27.06 4.40 -5.01
C GLU A 162 -26.61 4.56 -6.45
N VAL A 163 -25.37 5.02 -6.67
CA VAL A 163 -24.87 5.18 -8.03
C VAL A 163 -24.60 3.82 -8.67
N LEU A 164 -24.01 2.89 -7.91
CA LEU A 164 -23.79 1.54 -8.42
C LEU A 164 -25.12 0.84 -8.66
N ARG A 165 -26.10 1.08 -7.80
CA ARG A 165 -27.42 0.48 -7.99
C ARG A 165 -28.11 1.02 -9.23
N SER A 166 -28.01 2.34 -9.46
CA SER A 166 -28.70 2.95 -10.60
C SER A 166 -28.05 2.55 -11.93
N LYS A 167 -26.74 2.36 -11.94
CA LYS A 167 -26.00 1.97 -13.14
C LYS A 167 -26.23 2.95 -14.29
N ARG A 175 -18.53 8.34 -11.71
CA ARG A 175 -18.35 9.79 -11.70
C ARG A 175 -18.44 10.34 -10.27
N SER A 176 -18.84 9.47 -9.33
CA SER A 176 -19.00 9.88 -7.95
C SER A 176 -17.65 10.16 -7.30
N LEU A 177 -17.68 10.46 -6.00
CA LEU A 177 -16.48 10.93 -5.32
C LEU A 177 -15.44 9.82 -5.15
N LEU A 178 -15.89 8.60 -4.87
CA LEU A 178 -14.97 7.48 -4.74
C LEU A 178 -14.09 7.33 -5.97
N GLU A 179 -14.65 7.63 -7.15
CA GLU A 179 -13.83 7.69 -8.35
C GLU A 179 -12.80 8.79 -8.29
N ARG A 180 -13.08 9.86 -7.54
CA ARG A 180 -12.21 11.02 -7.46
C ARG A 180 -11.19 10.96 -6.32
N LEU A 181 -11.22 9.90 -5.50
CA LEU A 181 -10.25 9.77 -4.41
C LEU A 181 -8.84 9.59 -4.97
N ARG A 182 -7.87 10.25 -4.33
CA ARG A 182 -6.48 10.17 -4.80
C ARG A 182 -5.51 9.78 -3.69
N TRP A 183 -5.79 10.19 -2.45
CA TRP A 183 -4.96 9.75 -1.33
C TRP A 183 -5.71 9.95 -0.02
N VAL A 184 -5.27 9.23 1.00
CA VAL A 184 -5.70 9.42 2.38
C VAL A 184 -4.46 9.36 3.26
N THR A 185 -4.44 10.17 4.32
CA THR A 185 -3.36 10.15 5.29
C THR A 185 -3.90 9.72 6.65
N LEU A 186 -3.17 8.83 7.30
CA LEU A 186 -3.50 8.31 8.62
C LEU A 186 -2.37 8.59 9.59
N GLY A 187 -2.68 8.57 10.88
CA GLY A 187 -1.68 8.87 11.88
C GLY A 187 -1.25 10.32 11.78
N TYR A 188 0.06 10.55 11.67
CA TYR A 188 0.58 11.89 11.47
C TYR A 188 0.33 12.31 10.02
N HIS A 189 -0.60 13.25 9.84
CA HIS A 189 -1.02 13.64 8.49
C HIS A 189 0.12 14.38 7.78
N TYR A 190 0.57 13.82 6.66
CA TYR A 190 1.61 14.44 5.86
C TYR A 190 1.08 15.70 5.21
N ASN A 191 1.74 16.83 5.47
CA ASN A 191 1.42 18.07 4.78
C ASN A 191 2.13 18.06 3.44
N TRP A 192 1.37 17.88 2.36
CA TRP A 192 1.96 17.80 1.03
C TRP A 192 2.67 19.10 0.66
N ASP A 193 2.03 20.24 0.93
CA ASP A 193 2.63 21.52 0.60
C ASP A 193 3.95 21.72 1.35
N SER A 194 3.95 21.43 2.65
CA SER A 194 5.13 21.67 3.47
C SER A 194 6.21 20.61 3.30
N LYS A 195 5.84 19.41 2.84
CA LYS A 195 6.76 18.27 2.80
C LYS A 195 7.36 17.99 4.17
N LYS A 196 6.55 18.17 5.21
CA LYS A 196 6.96 17.93 6.58
C LYS A 196 5.86 17.18 7.32
N TYR A 197 6.21 16.64 8.47
CA TYR A 197 5.24 16.17 9.44
C TYR A 197 5.10 17.20 10.55
N SER A 198 4.10 17.00 11.40
CA SER A 198 3.84 17.91 12.50
C SER A 198 3.03 17.18 13.56
N ALA A 199 3.46 17.30 14.82
CA ALA A 199 2.66 16.77 15.91
C ALA A 199 1.32 17.47 16.03
N ASP A 200 1.18 18.65 15.43
CA ASP A 200 -0.06 19.40 15.54
C ASP A 200 -1.16 18.80 14.68
N HIS A 201 -0.81 18.23 13.53
CA HIS A 201 -1.77 17.59 12.63
C HIS A 201 -1.69 16.08 12.88
N TYR A 202 -2.63 15.56 13.66
CA TYR A 202 -2.60 14.16 14.05
C TYR A 202 -4.00 13.66 14.35
N THR A 203 -4.30 12.47 13.83
CA THR A 203 -5.45 11.68 14.23
C THR A 203 -5.00 10.25 14.45
N PRO A 204 -5.61 9.53 15.39
CA PRO A 204 -5.08 8.22 15.78
C PRO A 204 -4.98 7.26 14.60
N PHE A 205 -3.89 6.50 14.59
CA PHE A 205 -3.66 5.54 13.51
C PHE A 205 -4.60 4.34 13.69
N PRO A 206 -5.23 3.87 12.61
CA PRO A 206 -6.13 2.71 12.72
C PRO A 206 -5.43 1.50 13.31
N SER A 207 -6.11 0.85 14.26
CA SER A 207 -5.48 -0.21 15.05
C SER A 207 -5.13 -1.43 14.19
N ASP A 208 -6.09 -1.95 13.43
CA ASP A 208 -5.86 -3.15 12.64
C ASP A 208 -4.71 -2.95 11.66
N LEU A 209 -4.73 -1.83 10.93
CA LEU A 209 -3.66 -1.52 9.99
C LEU A 209 -2.32 -1.48 10.70
N ALA A 210 -2.27 -0.83 11.86
CA ALA A 210 -1.03 -0.74 12.63
C ALA A 210 -0.52 -2.12 13.01
N PHE A 211 -1.42 -2.99 13.48
CA PHE A 211 -1.01 -4.35 13.84
C PHE A 211 -0.45 -5.09 12.64
N LEU A 212 -1.10 -4.94 11.47
CA LEU A 212 -0.58 -5.52 10.23
C LEU A 212 0.85 -5.09 9.98
N SER A 213 1.06 -3.77 9.88
CA SER A 213 2.41 -3.25 9.62
C SER A 213 3.40 -3.74 10.67
N GLU A 214 2.97 -3.83 11.93
CA GLU A 214 3.85 -4.28 12.99
C GLU A 214 4.31 -5.71 12.77
N GLN A 215 3.38 -6.61 12.46
CA GLN A 215 3.76 -8.01 12.24
C GLN A 215 4.66 -8.14 11.02
N VAL A 216 4.34 -7.45 9.93
CA VAL A 216 5.15 -7.57 8.72
C VAL A 216 6.57 -7.06 8.97
N ALA A 217 6.68 -5.90 9.62
CA ALA A 217 8.00 -5.35 9.91
C ALA A 217 8.76 -6.22 10.91
N THR A 218 8.05 -6.90 11.80
CA THR A 218 8.71 -7.85 12.70
C THR A 218 9.31 -9.01 11.92
N ALA A 219 8.50 -9.62 11.03
CA ALA A 219 8.99 -10.73 10.23
C ALA A 219 10.17 -10.32 9.35
N CYS A 220 10.13 -9.09 8.81
CA CYS A 220 11.21 -8.62 7.98
C CYS A 220 12.45 -8.20 8.76
N GLY A 221 12.39 -8.23 10.09
CA GLY A 221 13.57 -8.03 10.92
C GLY A 221 13.63 -6.76 11.74
N PHE A 222 12.51 -6.05 11.90
CA PHE A 222 12.46 -4.83 12.70
C PHE A 222 11.28 -4.94 13.65
N GLN A 223 11.55 -5.51 14.84
CA GLN A 223 10.46 -5.78 15.78
C GLN A 223 9.98 -4.51 16.47
N GLY A 224 10.84 -3.51 16.60
CA GLY A 224 10.45 -2.28 17.26
C GLY A 224 9.84 -1.27 16.31
N PHE A 225 8.77 -1.66 15.62
CA PHE A 225 8.14 -0.83 14.60
C PHE A 225 6.76 -0.40 15.09
N GLN A 226 6.63 0.87 15.47
CA GLN A 226 5.34 1.46 15.78
C GLN A 226 4.79 2.14 14.53
N ALA A 227 3.53 1.91 14.22
CA ALA A 227 2.92 2.51 13.04
C ALA A 227 2.46 3.93 13.38
N GLU A 228 3.06 4.91 12.72
CA GLU A 228 2.80 6.32 13.04
C GLU A 228 2.24 7.11 11.87
N ALA A 229 2.74 6.89 10.65
CA ALA A 229 2.23 7.60 9.47
C ALA A 229 1.68 6.61 8.47
N GLY A 230 0.55 6.95 7.89
CA GLY A 230 -0.02 6.15 6.82
C GLY A 230 -0.38 7.02 5.63
N ILE A 231 -0.13 6.50 4.44
CA ILE A 231 -0.49 7.20 3.20
C ILE A 231 -1.04 6.14 2.24
N LEU A 232 -2.33 6.23 1.95
CA LEU A 232 -3.04 5.29 1.10
C LEU A 232 -3.31 5.98 -0.23
N ASN A 233 -2.51 5.63 -1.24
CA ASN A 233 -2.73 6.14 -2.58
C ASN A 233 -3.85 5.35 -3.26
N TYR A 234 -4.72 6.08 -3.96
CA TYR A 234 -5.75 5.47 -4.79
C TYR A 234 -5.48 5.86 -6.23
N TYR A 235 -5.80 4.95 -7.14
CA TYR A 235 -5.45 5.12 -8.55
C TYR A 235 -6.69 5.06 -9.42
N ARG A 236 -6.62 5.77 -10.54
CA ARG A 236 -7.37 5.44 -11.74
C ARG A 236 -6.49 4.55 -12.63
N LEU A 237 -7.08 4.06 -13.72
CA LEU A 237 -6.29 3.29 -14.68
C LEU A 237 -5.06 4.07 -15.13
N ASP A 238 -5.25 5.34 -15.46
CA ASP A 238 -4.20 6.20 -15.99
C ASP A 238 -3.40 6.91 -14.90
N SER A 239 -3.66 6.62 -13.63
CA SER A 239 -2.93 7.27 -12.55
C SER A 239 -1.50 6.76 -12.48
N THR A 240 -0.58 7.64 -12.07
CA THR A 240 0.82 7.30 -11.91
C THR A 240 1.33 7.89 -10.60
N LEU A 241 2.48 7.39 -10.17
CA LEU A 241 3.20 7.92 -9.03
C LEU A 241 4.58 8.36 -9.51
N GLY A 242 5.02 9.53 -9.02
CA GLY A 242 6.17 10.19 -9.60
C GLY A 242 7.52 9.70 -9.09
N ILE A 243 8.57 10.17 -9.75
CA ILE A 243 9.94 9.85 -9.38
C ILE A 243 10.30 10.62 -8.12
N HIS A 244 10.67 9.89 -7.06
CA HIS A 244 10.91 10.54 -5.77
C HIS A 244 11.57 9.55 -4.82
N VAL A 245 12.24 10.09 -3.82
CA VAL A 245 12.69 9.33 -2.67
C VAL A 245 11.75 9.64 -1.50
N ASP A 246 11.69 8.71 -0.55
CA ASP A 246 10.72 8.80 0.55
C ASP A 246 11.44 9.25 1.83
N ARG A 247 11.77 10.55 1.86
CA ARG A 247 12.67 11.07 2.88
C ARG A 247 11.98 12.01 3.88
N SER A 248 10.67 12.19 3.81
CA SER A 248 10.02 13.17 4.68
C SER A 248 10.03 12.76 6.16
N GLU A 249 10.41 11.52 6.47
CA GLU A 249 10.39 11.06 7.85
C GLU A 249 11.69 11.44 8.57
N LEU A 250 11.63 11.40 9.89
CA LEU A 250 12.80 11.69 10.72
C LEU A 250 13.62 10.45 11.02
N ASP A 251 12.95 9.30 11.22
CA ASP A 251 13.62 8.04 11.49
C ASP A 251 13.67 7.24 10.19
N HIS A 252 14.81 7.34 9.49
CA HIS A 252 15.01 6.58 8.26
C HIS A 252 15.35 5.12 8.53
N SER A 253 15.81 4.80 9.74
CA SER A 253 16.18 3.42 10.05
C SER A 253 15.00 2.48 9.91
N LYS A 254 13.84 2.89 10.42
CA LYS A 254 12.65 2.07 10.31
C LYS A 254 12.18 1.99 8.85
N PRO A 255 11.62 0.87 8.44
CA PRO A 255 11.35 0.64 7.02
C PRO A 255 10.03 1.23 6.54
N LEU A 256 9.89 1.30 5.21
CA LEU A 256 8.69 1.77 4.56
C LEU A 256 7.91 0.56 4.05
N LEU A 257 6.65 0.44 4.48
CA LEU A 257 5.84 -0.76 4.26
C LEU A 257 4.74 -0.46 3.25
N SER A 258 4.96 -0.86 2.01
CA SER A 258 3.99 -0.70 0.93
C SER A 258 3.18 -1.98 0.74
N PHE A 259 1.87 -1.82 0.53
CA PHE A 259 0.94 -2.91 0.27
C PHE A 259 0.24 -2.63 -1.05
N SER A 260 0.31 -3.57 -1.98
CA SER A 260 -0.38 -3.44 -3.25
C SER A 260 -1.71 -4.18 -3.24
N PHE A 261 -2.68 -3.62 -3.95
CA PHE A 261 -3.99 -4.23 -4.12
C PHE A 261 -4.49 -3.89 -5.51
N GLY A 262 -5.79 -4.03 -5.74
CA GLY A 262 -6.40 -3.70 -7.02
C GLY A 262 -5.78 -4.45 -8.17
N GLN A 263 -5.74 -3.78 -9.33
CA GLN A 263 -5.13 -4.36 -10.51
C GLN A 263 -3.61 -4.43 -10.34
N SER A 264 -2.98 -5.21 -11.20
CA SER A 264 -1.53 -5.29 -11.21
C SER A 264 -0.95 -3.95 -11.66
N ALA A 265 0.22 -3.63 -11.13
CA ALA A 265 0.91 -2.40 -11.47
C ALA A 265 2.39 -2.70 -11.68
N ILE A 266 3.09 -1.75 -12.27
CA ILE A 266 4.54 -1.84 -12.45
C ILE A 266 5.21 -0.83 -11.52
N PHE A 267 6.15 -1.32 -10.73
CA PHE A 267 6.91 -0.49 -9.81
C PHE A 267 8.26 -0.18 -10.45
N LEU A 268 9.16 0.40 -9.66
CA LEU A 268 10.53 0.66 -10.11
C LEU A 268 11.38 0.95 -8.89
N LEU A 269 12.67 0.60 -8.98
CA LEU A 269 13.59 0.76 -7.87
C LEU A 269 14.93 1.26 -8.39
N GLY A 270 15.26 2.51 -8.07
CA GLY A 270 16.55 3.07 -8.42
C GLY A 270 17.20 3.67 -7.18
N GLY A 271 18.53 3.78 -7.25
CA GLY A 271 19.29 4.24 -6.11
C GLY A 271 18.91 5.65 -5.70
N LEU A 272 19.57 6.10 -4.63
CA LEU A 272 19.30 7.42 -4.07
C LEU A 272 19.40 8.49 -5.14
N LYS A 273 20.42 8.42 -5.98
CA LYS A 273 20.48 9.26 -7.17
C LYS A 273 19.46 8.78 -8.18
N ARG A 274 18.55 9.66 -8.60
CA ARG A 274 17.66 9.34 -9.70
C ARG A 274 18.44 8.95 -10.95
N ASP A 275 19.72 9.32 -11.00
CA ASP A 275 20.57 9.02 -12.14
C ASP A 275 20.69 7.52 -12.38
N GLU A 276 20.80 6.74 -11.31
CA GLU A 276 20.93 5.29 -11.44
C GLU A 276 19.69 4.72 -12.10
N ALA A 277 19.88 4.01 -13.21
CA ALA A 277 18.75 3.49 -13.96
C ALA A 277 17.90 2.57 -13.09
N PRO A 278 16.58 2.57 -13.28
CA PRO A 278 15.72 1.75 -12.42
C PRO A 278 15.60 0.32 -12.90
N THR A 279 15.11 -0.52 -12.00
CA THR A 279 14.70 -1.89 -12.31
C THR A 279 13.20 -1.99 -12.09
N ALA A 280 12.52 -2.75 -12.96
CA ALA A 280 11.07 -2.79 -12.99
C ALA A 280 10.55 -4.15 -12.55
N MET A 281 9.46 -4.15 -11.78
CA MET A 281 8.85 -5.36 -11.27
C MET A 281 7.35 -5.16 -11.16
N PHE A 282 6.63 -6.28 -11.06
CA PHE A 282 5.19 -6.27 -10.89
C PHE A 282 4.82 -6.04 -9.42
N MET A 283 3.55 -5.74 -9.20
CA MET A 283 2.95 -5.65 -7.86
C MET A 283 1.48 -6.03 -7.98
N HIS A 284 1.20 -7.32 -7.85
CA HIS A 284 -0.17 -7.81 -7.91
C HIS A 284 -0.89 -7.54 -6.59
N SER A 285 -2.19 -7.81 -6.60
CA SER A 285 -2.98 -7.69 -5.38
C SER A 285 -2.39 -8.54 -4.26
N GLY A 286 -2.32 -7.97 -3.07
CA GLY A 286 -1.78 -8.65 -1.92
C GLY A 286 -0.27 -8.57 -1.77
N ASP A 287 0.45 -8.25 -2.83
CA ASP A 287 1.91 -8.19 -2.77
C ASP A 287 2.36 -7.05 -1.85
N ILE A 288 3.47 -7.27 -1.16
CA ILE A 288 3.95 -6.36 -0.13
C ILE A 288 5.42 -6.04 -0.39
N MET A 289 5.74 -4.76 -0.47
CA MET A 289 7.14 -4.30 -0.50
C MET A 289 7.54 -3.74 0.85
N VAL A 290 8.64 -4.24 1.39
CA VAL A 290 9.24 -3.72 2.60
C VAL A 290 10.59 -3.13 2.23
N MET A 291 10.67 -1.81 2.17
CA MET A 291 11.91 -1.12 1.85
C MET A 291 12.64 -0.80 3.15
N SER A 292 13.84 -1.36 3.30
CA SER A 292 14.59 -1.22 4.54
C SER A 292 16.05 -0.91 4.23
N GLY A 293 16.77 -0.49 5.28
CA GLY A 293 18.18 -0.18 5.19
C GLY A 293 18.55 0.75 4.06
N PHE A 294 18.96 0.19 2.93
CA PHE A 294 19.34 1.02 1.78
C PHE A 294 18.13 1.42 0.95
N SER A 295 17.16 0.51 0.80
CA SER A 295 16.05 0.72 -0.11
C SER A 295 15.05 1.75 0.38
N ARG A 296 15.38 2.45 1.46
CA ARG A 296 14.48 3.48 1.99
C ARG A 296 14.76 4.87 1.44
N LEU A 297 16.00 5.15 1.05
CA LEU A 297 16.34 6.42 0.41
C LEU A 297 16.46 6.27 -1.11
N LEU A 298 15.81 5.26 -1.68
CA LEU A 298 15.93 4.94 -3.09
C LEU A 298 14.77 5.50 -3.88
N ASN A 299 15.07 6.08 -5.04
CA ASN A 299 14.05 6.69 -5.87
C ASN A 299 13.17 5.62 -6.51
N HIS A 300 11.85 5.82 -6.48
CA HIS A 300 10.90 4.83 -6.94
C HIS A 300 9.70 5.55 -7.55
N ALA A 301 8.85 4.77 -8.22
CA ALA A 301 7.69 5.31 -8.92
C ALA A 301 6.74 4.17 -9.24
N VAL A 302 5.58 4.54 -9.81
CA VAL A 302 4.59 3.57 -10.28
C VAL A 302 4.15 4.01 -11.67
N PRO A 303 4.85 3.61 -12.73
CA PRO A 303 4.52 4.12 -14.08
C PRO A 303 3.14 3.75 -14.58
N ARG A 304 2.60 2.58 -14.21
CA ARG A 304 1.34 2.15 -14.79
C ARG A 304 0.52 1.32 -13.80
N VAL A 305 -0.79 1.37 -13.99
CA VAL A 305 -1.71 0.36 -13.49
C VAL A 305 -2.15 -0.44 -14.72
N LEU A 306 -1.58 -1.63 -14.89
CA LEU A 306 -1.92 -2.46 -16.04
C LEU A 306 -3.26 -3.16 -15.80
N PRO A 307 -4.20 -3.08 -16.74
CA PRO A 307 -5.54 -3.63 -16.49
C PRO A 307 -5.66 -5.12 -16.80
N HIS A 308 -6.89 -5.61 -16.73
CA HIS A 308 -7.16 -7.03 -16.93
C HIS A 308 -6.92 -7.42 -18.38
N PRO A 309 -6.08 -8.44 -18.66
CA PRO A 309 -5.85 -8.92 -20.02
C PRO A 309 -7.12 -9.46 -20.66
N LEU A 314 -11.25 -8.18 -12.26
CA LEU A 314 -10.45 -8.13 -11.05
C LEU A 314 -9.71 -9.47 -10.85
N PRO A 315 -8.67 -9.48 -9.99
CA PRO A 315 -7.77 -10.64 -9.95
C PRO A 315 -8.32 -11.90 -9.30
N HIS A 316 -7.41 -12.85 -9.06
CA HIS A 316 -7.77 -14.14 -8.49
C HIS A 316 -7.81 -14.11 -6.96
N CYS A 317 -6.95 -13.29 -6.33
CA CYS A 317 -7.03 -13.13 -4.89
C CYS A 317 -8.35 -12.51 -4.47
N LEU A 318 -8.94 -11.68 -5.34
CA LEU A 318 -10.30 -11.19 -5.14
C LEU A 318 -11.35 -12.22 -5.53
N GLU A 319 -10.97 -13.19 -6.35
CA GLU A 319 -11.89 -14.28 -6.71
C GLU A 319 -12.20 -15.14 -5.51
N THR A 320 -11.22 -15.36 -4.63
CA THR A 320 -11.43 -16.16 -3.44
C THR A 320 -12.01 -15.30 -2.32
N PRO A 321 -13.18 -15.64 -1.79
CA PRO A 321 -13.84 -14.76 -0.81
C PRO A 321 -13.40 -14.99 0.63
N LEU A 322 -14.00 -14.25 1.55
CA LEU A 322 -13.73 -14.43 2.97
C LEU A 322 -14.30 -15.77 3.45
N PRO A 323 -13.70 -16.35 4.47
CA PRO A 323 -14.38 -17.43 5.19
C PRO A 323 -15.41 -16.87 6.15
N ALA A 324 -16.45 -17.67 6.39
CA ALA A 324 -17.45 -17.29 7.39
C ALA A 324 -16.82 -17.25 8.77
N VAL A 325 -16.10 -18.32 9.14
CA VAL A 325 -15.48 -18.43 10.45
C VAL A 325 -14.16 -17.65 10.43
N LEU A 326 -14.09 -16.57 11.19
CA LEU A 326 -12.89 -15.82 11.43
C LEU A 326 -12.56 -15.84 12.93
N PRO A 327 -11.28 -15.79 13.30
CA PRO A 327 -10.92 -15.87 14.73
C PRO A 327 -11.62 -14.84 15.60
N SER A 328 -11.74 -15.13 16.89
CA SER A 328 -12.50 -14.26 17.79
C SER A 328 -11.76 -12.96 18.07
N ASN A 329 -10.43 -13.00 18.15
CA ASN A 329 -9.62 -11.81 18.34
C ASN A 329 -9.15 -11.21 17.02
N SER A 330 -9.68 -11.70 15.90
CA SER A 330 -9.16 -11.30 14.59
C SER A 330 -9.50 -9.85 14.28
N LEU A 331 -8.50 -9.11 13.79
CA LEU A 331 -8.75 -7.78 13.26
C LEU A 331 -9.31 -7.83 11.85
N VAL A 332 -9.13 -8.94 11.13
CA VAL A 332 -9.82 -9.17 9.88
C VAL A 332 -11.31 -9.31 10.16
N GLU A 333 -12.13 -8.60 9.41
CA GLU A 333 -13.51 -8.33 9.81
C GLU A 333 -14.50 -8.68 8.71
N PRO A 334 -15.80 -8.76 8.99
CA PRO A 334 -16.78 -9.12 7.96
C PRO A 334 -17.13 -7.98 7.02
N CYS A 335 -17.45 -8.35 5.80
CA CYS A 335 -17.77 -7.42 4.73
C CYS A 335 -19.20 -7.65 4.28
N SER A 336 -20.02 -6.61 4.31
CA SER A 336 -21.32 -6.69 3.69
C SER A 336 -21.17 -6.89 2.18
N VAL A 337 -22.25 -7.32 1.54
CA VAL A 337 -22.14 -7.78 0.16
C VAL A 337 -21.95 -6.60 -0.80
N GLU A 338 -22.71 -5.52 -0.61
CA GLU A 338 -22.58 -4.38 -1.52
C GLU A 338 -21.26 -3.66 -1.35
N ASP A 339 -20.57 -3.83 -0.21
CA ASP A 339 -19.24 -3.25 -0.07
C ASP A 339 -18.22 -3.94 -0.96
N TRP A 340 -18.26 -5.27 -1.03
CA TRP A 340 -17.45 -5.95 -2.03
C TRP A 340 -18.00 -5.79 -3.43
N GLN A 341 -19.25 -5.33 -3.57
CA GLN A 341 -19.74 -4.95 -4.89
C GLN A 341 -19.06 -3.68 -5.38
N VAL A 342 -19.09 -2.62 -4.57
CA VAL A 342 -18.49 -1.35 -4.98
C VAL A 342 -16.97 -1.46 -5.02
N CYS A 343 -16.39 -2.17 -4.03
CA CYS A 343 -14.96 -2.45 -4.08
C CYS A 343 -14.60 -3.29 -5.29
N ALA A 344 -15.42 -4.28 -5.60
CA ALA A 344 -15.14 -5.17 -6.73
C ALA A 344 -15.18 -4.42 -8.05
N THR A 345 -16.18 -3.56 -8.24
CA THR A 345 -16.25 -2.77 -9.47
C THR A 345 -15.10 -1.76 -9.53
N TYR A 346 -14.96 -0.94 -8.47
CA TYR A 346 -13.91 0.07 -8.44
C TYR A 346 -12.52 -0.54 -8.64
N LEU A 347 -12.31 -1.77 -8.19
CA LEU A 347 -11.03 -2.43 -8.37
C LEU A 347 -10.93 -3.17 -9.69
N ARG A 348 -12.05 -3.49 -10.33
CA ARG A 348 -12.00 -3.80 -11.76
C ARG A 348 -11.59 -2.58 -12.56
N THR A 349 -11.83 -1.38 -12.02
CA THR A 349 -11.38 -0.17 -12.68
C THR A 349 -9.92 0.13 -12.39
N ALA A 350 -9.49 0.11 -11.13
CA ALA A 350 -8.14 0.56 -10.83
C ALA A 350 -7.66 0.03 -9.48
N ARG A 351 -6.50 0.55 -9.04
CA ARG A 351 -5.64 -0.07 -8.03
C ARG A 351 -5.53 0.81 -6.79
N VAL A 352 -5.19 0.18 -5.65
CA VAL A 352 -4.97 0.85 -4.38
C VAL A 352 -3.57 0.51 -3.87
N ASN A 353 -3.01 1.41 -3.06
CA ASN A 353 -1.69 1.24 -2.45
C ASN A 353 -1.73 1.75 -1.02
N MET A 354 -1.08 1.02 -0.10
CA MET A 354 -1.08 1.34 1.33
C MET A 354 0.36 1.41 1.85
N THR A 355 0.87 2.62 2.04
CA THR A 355 2.19 2.79 2.63
C THR A 355 2.08 3.13 4.10
N VAL A 356 2.94 2.52 4.92
CA VAL A 356 2.96 2.73 6.37
C VAL A 356 4.40 3.01 6.77
N ARG A 357 4.56 3.91 7.74
CA ARG A 357 5.84 4.58 7.99
C ARG A 357 6.01 4.87 9.47
N GLN A 358 7.25 4.79 9.93
CA GLN A 358 7.63 5.35 11.23
C GLN A 358 8.09 6.79 11.03
N VAL A 359 7.54 7.70 11.81
CA VAL A 359 7.92 9.11 11.72
C VAL A 359 9.07 9.37 12.67
N LEU A 360 8.87 9.09 13.95
CA LEU A 360 9.80 9.45 15.01
C LEU A 360 10.54 8.22 15.50
N ALA A 361 11.83 8.38 15.77
CA ALA A 361 12.59 7.32 16.41
C ALA A 361 12.05 7.06 17.81
N THR A 362 12.45 5.91 18.37
CA THR A 362 11.88 5.49 19.65
C THR A 362 12.13 6.51 20.75
N GLY A 363 13.34 7.06 20.80
CA GLY A 363 13.68 8.09 21.77
C GLY A 363 13.61 9.50 21.25
N GLN A 364 13.08 9.71 20.05
CA GLN A 364 13.06 11.00 19.39
C GLN A 364 11.66 11.57 19.37
N ASP A 365 11.56 12.90 19.38
CA ASP A 365 10.30 13.61 19.26
C ASP A 365 10.52 14.84 18.39
N PHE A 366 9.42 15.37 17.85
CA PHE A 366 9.48 16.57 17.04
C PHE A 366 10.14 17.70 17.82
N PRO A 367 11.12 18.41 17.25
CA PRO A 367 11.70 19.56 17.94
C PRO A 367 10.67 20.67 18.13
N LEU A 368 11.03 21.64 18.96
CA LEU A 368 10.13 22.73 19.33
C LEU A 368 10.52 24.05 18.68
N GLU A 369 11.79 24.44 18.76
CA GLU A 369 12.28 25.72 18.23
C GLU A 369 11.39 26.89 18.61
FE FE2 B . 7.41 6.61 -2.47
#